data_8RXG
#
_entry.id   8RXG
#
_cell.length_a   67.205
_cell.length_b   67.205
_cell.length_c   183.006
_cell.angle_alpha   90
_cell.angle_beta   90
_cell.angle_gamma   90
#
_symmetry.space_group_name_H-M   'P 43 21 2'
#
loop_
_entity.id
_entity.type
_entity.pdbx_description
1 polymer Methyltransferase
2 non-polymer 'ZINC ION'
3 non-polymer '2-OXO-4-METHYLPENTANOIC ACID'
4 non-polymer 'CHLORIDE ION'
5 non-polymer S-ADENOSYLMETHIONINE
6 water water
#
_entity_poly.entity_id   1
_entity_poly.type   'polypeptide(L)'
_entity_poly.pdbx_seq_one_letter_code
;MATHDIAAQHLADGIAASGPAPDLAAAAAFLEMGDRLGVVAHLDPDRTLETAEVAAALDLPEPALVRYLDAVESAGLVIR
EGEGRYRACPDFDTIRHQAGYISWTMNANRPFIENARDFFTDWDKAARTHVRDYREVAVSSQWMGSHAFYPTALATIIDA
APRKVVDLGAGTCRLLIEVLGAVPGSTGVGLDFAADACRAAEQAVAQAGMTDRLTVVERTIQSVATDPGVLEGADVIHAG
FVFHDMLPEEEDVCDQVLANCRESLAPGGFLAITDAVPYLRNDRERRFSAAVSYYHGEFMRRRLQSEEEWVERLRGAGFS
DVRALTLAFPTGRLFLAHR
;
_entity_poly.pdbx_strand_id   A
#
loop_
_chem_comp.id
_chem_comp.type
_chem_comp.name
_chem_comp.formula
CL non-polymer 'CHLORIDE ION' 'Cl -1'
COI non-polymer '2-OXO-4-METHYLPENTANOIC ACID' 'C6 H10 O3'
SAM non-polymer S-ADENOSYLMETHIONINE 'C15 H22 N6 O5 S'
ZN non-polymer 'ZINC ION' 'Zn 2'
#
# COMPACT_ATOMS: atom_id res chain seq x y z
N HIS A 4 -26.07 39.81 10.67
CA HIS A 4 -25.38 39.29 11.86
C HIS A 4 -26.09 38.02 12.40
N ASP A 5 -27.42 38.10 12.66
CA ASP A 5 -28.16 36.94 13.13
C ASP A 5 -28.24 35.93 11.97
N ILE A 6 -28.55 36.41 10.74
CA ILE A 6 -28.63 35.56 9.56
C ILE A 6 -27.24 34.94 9.30
N ALA A 7 -26.18 35.77 9.32
CA ALA A 7 -24.80 35.30 9.13
C ALA A 7 -24.34 34.27 10.19
N ALA A 8 -24.77 34.40 11.46
CA ALA A 8 -24.43 33.45 12.53
C ALA A 8 -25.08 32.12 12.28
N GLN A 9 -26.32 32.10 11.77
CA GLN A 9 -27.01 30.85 11.51
C GLN A 9 -26.37 30.18 10.32
N HIS A 10 -26.08 30.94 9.26
CA HIS A 10 -25.40 30.37 8.09
C HIS A 10 -24.01 29.87 8.46
N LEU A 11 -23.34 30.53 9.47
CA LEU A 11 -22.01 30.10 9.89
C LEU A 11 -22.10 28.68 10.49
N ALA A 12 -22.95 28.49 11.50
CA ALA A 12 -23.12 27.18 12.17
C ALA A 12 -23.56 26.09 11.19
N ASP A 13 -24.52 26.43 10.27
CA ASP A 13 -25.01 25.48 9.27
C ASP A 13 -23.88 25.09 8.34
N GLY A 14 -23.12 26.06 7.87
CA GLY A 14 -22.02 25.81 6.95
C GLY A 14 -20.90 25.00 7.56
N ILE A 15 -20.55 25.29 8.84
CA ILE A 15 -19.53 24.50 9.55
C ILE A 15 -19.97 23.02 9.62
N ALA A 16 -21.22 22.77 9.98
CA ALA A 16 -21.78 21.40 10.06
C ALA A 16 -21.76 20.71 8.69
N ALA A 17 -22.15 21.42 7.64
CA ALA A 17 -22.17 20.88 6.28
C ALA A 17 -20.77 20.57 5.74
N SER A 18 -19.78 21.45 5.97
CA SER A 18 -18.42 21.22 5.50
C SER A 18 -17.74 20.12 6.30
N GLY A 19 -18.04 20.02 7.60
CA GLY A 19 -17.45 19.00 8.45
C GLY A 19 -15.92 18.93 8.37
N PRO A 20 -15.32 17.74 8.20
CA PRO A 20 -13.86 17.64 8.13
C PRO A 20 -13.26 17.77 6.74
N ALA A 21 -14.08 18.02 5.71
CA ALA A 21 -13.59 18.07 4.34
C ALA A 21 -12.56 19.22 4.10
N PRO A 22 -12.70 20.48 4.58
CA PRO A 22 -11.61 21.48 4.37
C PRO A 22 -10.25 21.04 4.92
N ASP A 23 -10.23 20.50 6.17
CA ASP A 23 -9.02 20.00 6.79
C ASP A 23 -8.37 18.88 5.97
N LEU A 24 -9.17 17.89 5.55
CA LEU A 24 -8.63 16.78 4.78
C LEU A 24 -8.17 17.21 3.43
N ALA A 25 -8.95 18.09 2.78
CA ALA A 25 -8.54 18.59 1.46
C ALA A 25 -7.19 19.31 1.52
N ALA A 26 -7.00 20.13 2.58
CA ALA A 26 -5.75 20.88 2.73
C ALA A 26 -4.60 19.93 3.03
N ALA A 27 -4.77 19.02 3.99
CA ALA A 27 -3.73 18.07 4.35
C ALA A 27 -3.24 17.25 3.12
N ALA A 28 -4.18 16.76 2.31
CA ALA A 28 -3.86 15.90 1.19
C ALA A 28 -3.04 16.65 0.15
N ALA A 29 -3.43 17.89 -0.14
CA ALA A 29 -2.74 18.69 -1.13
C ALA A 29 -1.33 19.07 -0.64
N PHE A 30 -1.18 19.52 0.61
CA PHE A 30 0.13 19.86 1.14
C PHE A 30 1.06 18.63 1.17
N LEU A 31 0.52 17.49 1.60
CA LEU A 31 1.31 16.28 1.71
C LEU A 31 1.66 15.64 0.37
N GLU A 32 0.74 15.69 -0.64
CA GLU A 32 1.09 15.21 -1.95
C GLU A 32 2.18 16.13 -2.57
N MET A 33 2.02 17.46 -2.45
CA MET A 33 3.02 18.39 -2.96
C MET A 33 4.37 18.19 -2.28
N GLY A 34 4.35 18.05 -0.95
CA GLY A 34 5.55 17.83 -0.18
C GLY A 34 6.22 16.48 -0.48
N ASP A 35 5.41 15.45 -0.79
CA ASP A 35 5.96 14.15 -1.12
C ASP A 35 6.62 14.16 -2.48
N ARG A 36 6.02 14.83 -3.44
CA ARG A 36 6.63 14.96 -4.78
C ARG A 36 7.96 15.75 -4.70
N LEU A 37 8.07 16.70 -3.80
CA LEU A 37 9.31 17.45 -3.56
C LEU A 37 10.36 16.63 -2.81
N GLY A 38 9.94 15.57 -2.10
CA GLY A 38 10.81 14.72 -1.29
C GLY A 38 10.91 15.17 0.16
N VAL A 39 10.14 16.22 0.54
CA VAL A 39 10.10 16.79 1.88
C VAL A 39 9.38 15.93 2.92
N VAL A 40 8.26 15.29 2.53
CA VAL A 40 7.46 14.54 3.50
C VAL A 40 8.26 13.41 4.18
N ALA A 41 9.17 12.76 3.47
CA ALA A 41 10.04 11.71 4.01
C ALA A 41 10.95 12.23 5.17
N HIS A 42 11.22 13.54 5.22
CA HIS A 42 12.05 14.11 6.30
C HIS A 42 11.16 14.64 7.47
N LEU A 43 9.83 14.58 7.36
CA LEU A 43 8.91 15.01 8.40
C LEU A 43 8.50 13.85 9.31
N ASP A 44 8.76 14.03 10.62
CA ASP A 44 8.45 13.03 11.62
C ASP A 44 8.11 13.74 12.94
N PRO A 45 7.12 13.22 13.71
CA PRO A 45 6.79 13.87 14.98
C PRO A 45 7.88 13.82 16.06
N ASP A 46 8.86 12.92 15.95
CA ASP A 46 9.89 12.73 16.95
C ASP A 46 11.25 13.36 16.61
N ARG A 47 11.38 14.05 15.49
CA ARG A 47 12.63 14.74 15.14
C ARG A 47 12.39 15.92 14.21
N THR A 48 13.37 16.82 14.15
CA THR A 48 13.28 17.98 13.30
C THR A 48 13.93 17.79 11.95
N LEU A 49 13.46 18.54 11.00
CA LEU A 49 13.96 18.69 9.66
C LEU A 49 14.79 20.00 9.75
N GLU A 50 16.05 19.96 9.39
CA GLU A 50 16.90 21.16 9.32
C GLU A 50 16.87 21.65 7.88
N THR A 51 16.27 22.82 7.64
CA THR A 51 16.09 23.32 6.28
C THR A 51 17.37 23.49 5.48
N ALA A 52 18.47 23.93 6.10
CA ALA A 52 19.72 24.13 5.37
C ALA A 52 20.18 22.81 4.74
N GLU A 53 20.09 21.70 5.49
CA GLU A 53 20.53 20.41 5.02
C GLU A 53 19.59 19.74 4.05
N VAL A 54 18.27 19.82 4.34
CA VAL A 54 17.21 19.20 3.51
C VAL A 54 17.11 19.90 2.16
N ALA A 55 17.23 21.22 2.13
CA ALA A 55 17.21 21.96 0.87
C ALA A 55 18.38 21.50 -0.02
N ALA A 56 19.58 21.28 0.58
CA ALA A 56 20.75 20.80 -0.20
C ALA A 56 20.53 19.34 -0.66
N ALA A 57 19.97 18.47 0.20
CA ALA A 57 19.72 17.06 -0.09
C ALA A 57 18.67 16.86 -1.22
N LEU A 58 17.64 17.70 -1.24
CA LEU A 58 16.60 17.67 -2.23
C LEU A 58 16.85 18.60 -3.44
N ASP A 59 17.96 19.32 -3.46
CA ASP A 59 18.30 20.28 -4.51
C ASP A 59 17.16 21.30 -4.72
N LEU A 60 16.69 21.88 -3.60
CA LEU A 60 15.69 22.93 -3.61
C LEU A 60 16.27 24.23 -3.07
N PRO A 61 15.86 25.42 -3.54
CA PRO A 61 16.31 26.66 -2.89
C PRO A 61 15.76 26.69 -1.47
N GLU A 62 16.66 26.94 -0.47
CA GLU A 62 16.24 26.97 0.91
C GLU A 62 15.11 28.00 1.17
N PRO A 63 15.13 29.24 0.59
CA PRO A 63 14.02 30.17 0.85
C PRO A 63 12.62 29.58 0.46
N ALA A 64 12.53 28.88 -0.68
CA ALA A 64 11.30 28.22 -1.16
C ALA A 64 10.87 27.10 -0.22
N LEU A 65 11.83 26.26 0.25
CA LEU A 65 11.53 25.20 1.22
C LEU A 65 11.00 25.81 2.52
N VAL A 66 11.60 26.92 2.95
CA VAL A 66 11.19 27.57 4.20
C VAL A 66 9.75 28.10 4.06
N ARG A 67 9.41 28.72 2.93
CA ARG A 67 8.05 29.24 2.68
C ARG A 67 7.02 28.10 2.68
N TYR A 68 7.37 26.93 2.10
CA TYR A 68 6.51 25.76 2.12
C TYR A 68 6.30 25.31 3.56
N LEU A 69 7.37 25.17 4.32
CA LEU A 69 7.31 24.73 5.72
C LEU A 69 6.57 25.72 6.62
N ASP A 70 6.68 27.02 6.36
CA ASP A 70 5.93 28.04 7.08
C ASP A 70 4.42 27.97 6.74
N ALA A 71 4.07 27.63 5.49
CA ALA A 71 2.66 27.43 5.12
C ALA A 71 2.15 26.18 5.85
N VAL A 72 2.92 25.07 5.87
CA VAL A 72 2.44 23.85 6.55
C VAL A 72 2.46 24.03 8.10
N GLU A 73 3.29 24.93 8.61
CA GLU A 73 3.29 25.29 10.02
C GLU A 73 1.99 26.05 10.33
N SER A 74 1.63 27.01 9.47
CA SER A 74 0.39 27.77 9.65
C SER A 74 -0.83 26.81 9.61
N ALA A 75 -0.76 25.80 8.75
CA ALA A 75 -1.77 24.76 8.63
C ALA A 75 -1.90 23.86 9.85
N GLY A 76 -0.89 23.84 10.74
CA GLY A 76 -0.85 22.99 11.92
C GLY A 76 -0.26 21.61 11.71
N LEU A 77 0.34 21.38 10.54
CA LEU A 77 0.93 20.08 10.21
C LEU A 77 2.35 19.90 10.69
N VAL A 78 3.06 21.00 10.93
CA VAL A 78 4.42 21.00 11.47
C VAL A 78 4.53 22.13 12.53
N ILE A 79 5.54 22.00 13.40
CA ILE A 79 5.90 22.92 14.46
C ILE A 79 7.32 23.45 14.18
N ARG A 80 7.51 24.75 14.21
CA ARG A 80 8.83 25.36 14.03
C ARG A 80 9.49 25.30 15.41
N GLU A 81 10.60 24.57 15.58
CA GLU A 81 11.26 24.50 16.88
C GLU A 81 12.25 25.68 17.04
N GLY A 82 13.27 25.74 16.23
CA GLY A 82 14.16 26.89 16.18
C GLY A 82 14.13 27.45 14.77
N GLU A 83 15.06 28.39 14.46
CA GLU A 83 15.15 28.88 13.08
C GLU A 83 15.72 27.72 12.24
N GLY A 84 15.12 27.50 11.11
CA GLY A 84 15.53 26.43 10.21
C GLY A 84 15.28 25.03 10.69
N ARG A 85 14.44 24.81 11.74
CA ARG A 85 14.13 23.45 12.19
C ARG A 85 12.64 23.31 12.41
N TYR A 86 12.07 22.24 11.85
CA TYR A 86 10.65 21.94 11.89
C TYR A 86 10.43 20.50 12.27
N ARG A 87 9.43 20.25 13.09
CA ARG A 87 9.03 18.91 13.52
C ARG A 87 7.58 18.68 13.06
N ALA A 88 7.22 17.47 12.69
CA ALA A 88 5.83 17.18 12.31
C ALA A 88 4.94 17.26 13.56
N CYS A 89 3.69 17.63 13.38
CA CYS A 89 2.73 17.70 14.49
C CYS A 89 2.58 16.31 15.15
N PRO A 90 2.16 16.21 16.43
CA PRO A 90 2.10 14.90 17.09
C PRO A 90 1.33 13.79 16.35
N ASP A 91 0.22 14.15 15.72
CA ASP A 91 -0.63 13.20 14.98
C ASP A 91 -0.39 13.19 13.48
N PHE A 92 0.80 13.60 13.05
CA PHE A 92 1.13 13.63 11.64
C PHE A 92 0.89 12.31 10.91
N ASP A 93 1.28 11.17 11.51
CA ASP A 93 1.17 9.88 10.84
C ASP A 93 -0.29 9.48 10.55
N THR A 94 -1.25 9.86 11.44
CA THR A 94 -2.67 9.61 11.21
C THR A 94 -3.18 10.54 10.09
N ILE A 95 -2.72 11.79 10.06
CA ILE A 95 -3.11 12.76 9.04
C ILE A 95 -2.60 12.26 7.68
N ARG A 96 -1.33 11.81 7.66
CA ARG A 96 -0.72 11.26 6.46
C ARG A 96 -1.48 10.00 5.97
N HIS A 97 -1.87 9.12 6.89
CA HIS A 97 -2.69 7.97 6.58
C HIS A 97 -4.00 8.37 5.87
N GLN A 98 -4.75 9.32 6.45
CA GLN A 98 -5.99 9.76 5.88
C GLN A 98 -5.81 10.37 4.50
N ALA A 99 -4.76 11.20 4.36
CA ALA A 99 -4.40 11.79 3.09
C ALA A 99 -4.14 10.73 2.01
N GLY A 100 -3.65 9.55 2.40
CA GLY A 100 -3.42 8.43 1.50
C GLY A 100 -4.64 8.03 0.71
N TYR A 101 -5.83 8.02 1.34
CA TYR A 101 -7.07 7.68 0.62
C TYR A 101 -7.37 8.73 -0.45
N ILE A 102 -7.23 10.04 -0.10
CA ILE A 102 -7.52 11.12 -1.02
C ILE A 102 -6.53 11.06 -2.17
N SER A 103 -5.22 10.93 -1.85
CA SER A 103 -4.19 10.81 -2.87
C SER A 103 -4.44 9.62 -3.81
N TRP A 104 -4.83 8.48 -3.29
CA TRP A 104 -5.09 7.31 -4.10
C TRP A 104 -6.25 7.54 -5.06
N THR A 105 -7.39 8.04 -4.57
CA THR A 105 -8.54 8.24 -5.45
C THR A 105 -8.36 9.43 -6.43
N MET A 106 -7.82 10.56 -5.94
CA MET A 106 -7.76 11.81 -6.69
C MET A 106 -6.46 12.06 -7.43
N ASN A 107 -5.37 11.41 -7.05
CA ASN A 107 -4.08 11.61 -7.67
C ASN A 107 -3.65 10.34 -8.44
N ALA A 108 -3.40 9.23 -7.75
CA ALA A 108 -2.97 8.00 -8.40
C ALA A 108 -3.91 7.55 -9.53
N ASN A 109 -5.24 7.61 -9.31
CA ASN A 109 -6.24 7.22 -10.28
C ASN A 109 -6.84 8.37 -11.11
N ARG A 110 -6.18 9.52 -11.11
CA ARG A 110 -6.60 10.69 -11.89
C ARG A 110 -6.81 10.41 -13.37
N PRO A 111 -6.00 9.59 -14.05
CA PRO A 111 -6.25 9.34 -15.48
C PRO A 111 -7.67 8.78 -15.76
N PHE A 112 -8.19 8.01 -14.85
CA PHE A 112 -9.50 7.40 -14.96
C PHE A 112 -10.59 8.45 -14.71
N ILE A 113 -10.36 9.36 -13.72
CA ILE A 113 -11.29 10.46 -13.43
C ILE A 113 -11.42 11.35 -14.65
N GLU A 114 -10.28 11.78 -15.23
CA GLU A 114 -10.28 12.75 -16.31
C GLU A 114 -10.66 12.20 -17.67
N ASN A 115 -10.43 10.91 -17.94
CA ASN A 115 -10.64 10.39 -19.29
C ASN A 115 -11.65 9.27 -19.37
N ALA A 116 -12.64 9.28 -18.49
CA ALA A 116 -13.65 8.22 -18.45
C ALA A 116 -14.41 8.06 -19.77
N ARG A 117 -14.74 9.17 -20.43
CA ARG A 117 -15.42 9.15 -21.73
C ARG A 117 -14.62 8.32 -22.76
N ASP A 118 -13.27 8.47 -22.76
CA ASP A 118 -12.40 7.67 -23.62
C ASP A 118 -12.45 6.17 -23.25
N PHE A 119 -12.38 5.82 -21.94
CA PHE A 119 -12.46 4.40 -21.54
C PHE A 119 -13.81 3.78 -21.93
N PHE A 120 -14.89 4.56 -21.91
CA PHE A 120 -16.23 4.08 -22.30
C PHE A 120 -16.38 3.89 -23.80
N THR A 121 -15.62 4.63 -24.61
CA THR A 121 -15.70 4.61 -26.07
C THR A 121 -14.75 3.56 -26.68
N ASP A 122 -13.48 3.56 -26.27
CA ASP A 122 -12.47 2.65 -26.81
C ASP A 122 -11.52 2.33 -25.68
N TRP A 123 -11.87 1.30 -24.88
CA TRP A 123 -11.13 0.93 -23.70
C TRP A 123 -9.67 0.64 -24.02
N ASP A 124 -9.39 -0.19 -25.04
CA ASP A 124 -8.02 -0.56 -25.39
C ASP A 124 -7.14 0.64 -25.70
N LYS A 125 -7.66 1.60 -26.48
CA LYS A 125 -6.90 2.82 -26.78
C LYS A 125 -6.69 3.65 -25.53
N ALA A 126 -7.75 3.80 -24.68
CA ALA A 126 -7.66 4.59 -23.44
C ALA A 126 -6.69 3.99 -22.43
N ALA A 127 -6.73 2.67 -22.27
CA ALA A 127 -5.89 1.95 -21.29
C ALA A 127 -4.41 2.11 -21.59
N ARG A 128 -4.01 2.16 -22.87
CA ARG A 128 -2.59 2.36 -23.21
C ARG A 128 -2.21 3.86 -23.28
N THR A 129 -3.19 4.77 -23.38
CA THR A 129 -2.95 6.22 -23.44
C THR A 129 -2.93 6.88 -22.05
N HIS A 130 -3.90 6.57 -21.20
CA HIS A 130 -4.11 7.21 -19.91
C HIS A 130 -3.63 6.23 -18.85
N VAL A 131 -2.35 6.35 -18.46
CA VAL A 131 -1.68 5.41 -17.57
C VAL A 131 -1.39 6.04 -16.22
N ARG A 132 -1.57 5.28 -15.15
CA ARG A 132 -1.31 5.76 -13.80
C ARG A 132 0.21 5.88 -13.59
N ASP A 133 0.59 6.87 -12.81
CA ASP A 133 1.96 7.09 -12.35
C ASP A 133 2.13 6.09 -11.21
N TYR A 134 2.95 5.05 -11.40
CA TYR A 134 3.06 4.00 -10.39
C TYR A 134 3.82 4.42 -9.15
N ARG A 135 4.59 5.53 -9.18
CA ARG A 135 5.19 6.04 -7.94
C ARG A 135 4.07 6.58 -7.05
N GLU A 136 3.07 7.25 -7.64
CA GLU A 136 1.95 7.78 -6.86
C GLU A 136 1.03 6.68 -6.35
N VAL A 137 0.85 5.62 -7.12
CA VAL A 137 0.04 4.45 -6.70
C VAL A 137 0.71 3.83 -5.45
N ALA A 138 2.02 3.66 -5.50
CA ALA A 138 2.79 3.03 -4.43
C ALA A 138 2.79 3.81 -3.14
N VAL A 139 3.06 5.14 -3.22
CA VAL A 139 3.13 5.99 -2.04
C VAL A 139 1.76 6.11 -1.39
N SER A 140 0.72 6.37 -2.18
CA SER A 140 -0.62 6.50 -1.58
C SER A 140 -1.09 5.17 -0.95
N SER A 141 -0.77 4.01 -1.60
CA SER A 141 -1.07 2.70 -1.05
C SER A 141 -0.35 2.53 0.27
N GLN A 142 0.92 2.94 0.34
CA GLN A 142 1.67 2.83 1.57
C GLN A 142 1.04 3.65 2.69
N TRP A 143 0.60 4.89 2.39
CA TRP A 143 -0.03 5.76 3.41
C TRP A 143 -1.35 5.16 3.88
N MET A 144 -2.14 4.62 2.98
CA MET A 144 -3.39 3.92 3.36
C MET A 144 -3.05 2.68 4.21
N GLY A 145 -2.03 1.93 3.81
CA GLY A 145 -1.65 0.72 4.53
C GLY A 145 -1.15 0.89 5.95
N SER A 146 -0.54 2.07 6.25
CA SER A 146 0.14 2.31 7.51
C SER A 146 -0.71 2.02 8.72
N HIS A 147 -1.96 2.44 8.67
CA HIS A 147 -2.89 2.19 9.76
C HIS A 147 -4.04 1.25 9.37
N ALA A 148 -4.20 0.83 8.10
CA ALA A 148 -5.37 0.05 7.69
C ALA A 148 -5.12 -1.37 7.14
N PHE A 149 -3.87 -1.78 6.83
CA PHE A 149 -3.62 -3.19 6.41
C PHE A 149 -2.22 -3.71 6.79
N TYR A 150 -1.19 -2.86 6.70
CA TYR A 150 0.17 -3.30 7.00
C TYR A 150 0.33 -3.84 8.45
N PRO A 151 -0.22 -3.20 9.52
CA PRO A 151 -0.01 -3.77 10.86
C PRO A 151 -0.56 -5.18 11.07
N THR A 152 -1.74 -5.50 10.50
CA THR A 152 -2.35 -6.84 10.65
C THR A 152 -1.48 -7.90 10.01
N ALA A 153 -1.01 -7.64 8.77
CA ALA A 153 -0.15 -8.56 8.05
C ALA A 153 1.17 -8.75 8.81
N LEU A 154 1.73 -7.66 9.31
CA LEU A 154 2.96 -7.72 10.10
C LEU A 154 2.80 -8.61 11.36
N ALA A 155 1.82 -8.31 12.21
CA ALA A 155 1.61 -9.02 13.46
C ALA A 155 1.25 -10.50 13.24
N THR A 156 0.44 -10.79 12.20
CA THR A 156 0.08 -12.18 11.90
C THR A 156 1.31 -13.02 11.55
N ILE A 157 2.24 -12.46 10.74
CA ILE A 157 3.45 -13.17 10.34
C ILE A 157 4.37 -13.36 11.57
N ILE A 158 4.61 -12.29 12.34
CA ILE A 158 5.45 -12.34 13.54
C ILE A 158 4.92 -13.38 14.56
N ASP A 159 3.60 -13.36 14.86
CA ASP A 159 3.00 -14.30 15.82
C ASP A 159 3.16 -15.76 15.43
N ALA A 160 3.20 -16.08 14.13
CA ALA A 160 3.41 -17.45 13.68
C ALA A 160 4.83 -17.98 14.03
N ALA A 161 5.80 -17.06 14.34
CA ALA A 161 7.20 -17.36 14.66
C ALA A 161 7.81 -18.21 13.54
N PRO A 162 7.85 -17.66 12.31
CA PRO A 162 8.35 -18.45 11.18
C PRO A 162 9.88 -18.54 11.05
N ARG A 163 10.35 -19.69 10.55
CA ARG A 163 11.76 -19.88 10.24
C ARG A 163 12.05 -19.31 8.84
N LYS A 164 11.08 -19.37 7.87
CA LYS A 164 11.25 -18.83 6.52
C LYS A 164 9.98 -18.12 6.04
N VAL A 165 10.10 -16.86 5.53
CA VAL A 165 8.98 -16.08 5.00
C VAL A 165 9.31 -15.65 3.57
N VAL A 166 8.37 -15.84 2.63
CA VAL A 166 8.50 -15.41 1.24
C VAL A 166 7.44 -14.33 0.98
N ASP A 167 7.83 -13.18 0.40
CA ASP A 167 6.90 -12.13 0.07
C ASP A 167 6.85 -11.99 -1.46
N LEU A 168 5.66 -12.19 -2.04
CA LEU A 168 5.42 -12.11 -3.48
C LEU A 168 4.99 -10.68 -3.82
N GLY A 169 5.85 -9.95 -4.51
CA GLY A 169 5.65 -8.53 -4.83
C GLY A 169 6.13 -7.70 -3.65
N ALA A 170 7.34 -8.01 -3.15
CA ALA A 170 7.91 -7.40 -1.95
C ALA A 170 8.27 -5.90 -2.03
N GLY A 171 8.50 -5.38 -3.22
CA GLY A 171 8.86 -3.97 -3.40
C GLY A 171 10.20 -3.68 -2.75
N THR A 172 10.22 -2.73 -1.80
CA THR A 172 11.44 -2.37 -1.07
C THR A 172 11.69 -3.29 0.16
N CYS A 173 11.03 -4.48 0.20
CA CYS A 173 11.12 -5.48 1.27
C CYS A 173 10.99 -4.90 2.69
N ARG A 174 10.15 -3.87 2.88
CA ARG A 174 9.96 -3.27 4.19
C ARG A 174 9.34 -4.28 5.16
N LEU A 175 8.32 -5.02 4.71
CA LEU A 175 7.67 -6.01 5.57
C LEU A 175 8.65 -7.10 6.00
N LEU A 176 9.39 -7.71 5.05
CA LEU A 176 10.33 -8.77 5.41
C LEU A 176 11.42 -8.31 6.38
N ILE A 177 12.00 -7.10 6.18
CA ILE A 177 13.02 -6.55 7.09
C ILE A 177 12.47 -6.43 8.53
N GLU A 178 11.24 -5.96 8.68
CA GLU A 178 10.63 -5.81 10.00
C GLU A 178 10.28 -7.15 10.64
N VAL A 179 9.91 -8.17 9.85
CA VAL A 179 9.61 -9.49 10.37
C VAL A 179 10.90 -10.16 10.85
N LEU A 180 11.99 -10.05 10.06
CA LEU A 180 13.29 -10.64 10.45
C LEU A 180 13.84 -9.96 11.71
N GLY A 181 13.62 -8.66 11.85
CA GLY A 181 14.04 -7.92 13.04
C GLY A 181 13.37 -8.40 14.32
N ALA A 182 12.10 -8.84 14.22
CA ALA A 182 11.32 -9.32 15.36
C ALA A 182 11.37 -10.83 15.59
N VAL A 183 11.77 -11.62 14.58
CA VAL A 183 11.82 -13.08 14.71
C VAL A 183 13.30 -13.53 14.56
N PRO A 184 14.05 -13.74 15.67
CA PRO A 184 15.46 -14.15 15.50
C PRO A 184 15.65 -15.47 14.75
N GLY A 185 16.66 -15.51 13.88
CA GLY A 185 17.00 -16.70 13.10
C GLY A 185 16.19 -16.93 11.84
N SER A 186 15.22 -16.06 11.53
CA SER A 186 14.38 -16.22 10.37
C SER A 186 15.04 -15.75 9.07
N THR A 187 14.76 -16.47 7.96
CA THR A 187 15.23 -16.10 6.62
C THR A 187 14.03 -15.61 5.78
N GLY A 188 14.30 -14.88 4.71
CA GLY A 188 13.26 -14.33 3.85
C GLY A 188 13.64 -14.14 2.40
N VAL A 189 12.67 -14.28 1.49
CA VAL A 189 12.88 -14.10 0.04
C VAL A 189 11.90 -13.03 -0.47
N GLY A 190 12.44 -11.92 -0.99
CA GLY A 190 11.67 -10.81 -1.53
C GLY A 190 11.63 -10.82 -3.05
N LEU A 191 10.52 -11.33 -3.62
CA LEU A 191 10.36 -11.46 -5.06
C LEU A 191 9.68 -10.22 -5.65
N ASP A 192 10.27 -9.61 -6.68
CA ASP A 192 9.69 -8.45 -7.36
C ASP A 192 10.18 -8.38 -8.81
N PHE A 193 9.31 -7.99 -9.76
CA PHE A 193 9.66 -7.96 -11.19
C PHE A 193 10.21 -6.60 -11.68
N ALA A 194 10.52 -5.65 -10.77
CA ALA A 194 11.03 -4.33 -11.14
C ALA A 194 12.48 -4.20 -10.71
N ALA A 195 13.33 -3.60 -11.57
CA ALA A 195 14.74 -3.44 -11.26
C ALA A 195 14.94 -2.38 -10.18
N ASP A 196 14.21 -1.22 -10.31
CA ASP A 196 14.30 -0.12 -9.34
C ASP A 196 13.97 -0.62 -7.92
N ALA A 197 12.86 -1.37 -7.78
CA ALA A 197 12.42 -1.89 -6.48
C ALA A 197 13.42 -2.89 -5.90
N CYS A 198 13.92 -3.83 -6.71
CA CYS A 198 14.89 -4.81 -6.22
C CYS A 198 16.21 -4.16 -5.81
N ARG A 199 16.67 -3.12 -6.55
CA ARG A 199 17.89 -2.38 -6.18
C ARG A 199 17.67 -1.60 -4.88
N ALA A 200 16.49 -0.98 -4.71
CA ALA A 200 16.16 -0.25 -3.47
C ALA A 200 16.04 -1.25 -2.29
N ALA A 201 15.47 -2.44 -2.54
CA ALA A 201 15.36 -3.48 -1.53
C ALA A 201 16.77 -3.94 -1.11
N GLU A 202 17.68 -4.16 -2.09
CA GLU A 202 19.06 -4.57 -1.83
C GLU A 202 19.80 -3.59 -0.90
N GLN A 203 19.70 -2.28 -1.17
CA GLN A 203 20.35 -1.28 -0.31
C GLN A 203 19.72 -1.20 1.10
N ALA A 204 18.40 -1.42 1.22
CA ALA A 204 17.73 -1.41 2.53
C ALA A 204 18.05 -2.66 3.35
N VAL A 205 18.21 -3.81 2.66
CA VAL A 205 18.56 -5.09 3.29
C VAL A 205 20.00 -4.97 3.84
N ALA A 206 20.92 -4.41 3.03
CA ALA A 206 22.31 -4.21 3.45
C ALA A 206 22.37 -3.23 4.64
N GLN A 207 21.60 -2.13 4.60
CA GLN A 207 21.54 -1.15 5.68
C GLN A 207 21.07 -1.81 7.01
N ALA A 208 20.06 -2.69 6.94
CA ALA A 208 19.56 -3.42 8.11
C ALA A 208 20.52 -4.51 8.64
N GLY A 209 21.53 -4.88 7.85
CA GLY A 209 22.53 -5.87 8.25
C GLY A 209 21.99 -7.30 8.23
N MET A 210 21.25 -7.66 7.18
CA MET A 210 20.66 -8.99 7.06
C MET A 210 20.65 -9.46 5.59
N THR A 211 21.80 -9.32 4.91
CA THR A 211 21.98 -9.75 3.51
C THR A 211 22.08 -11.29 3.42
N ASP A 212 22.64 -11.93 4.44
CA ASP A 212 22.74 -13.38 4.50
C ASP A 212 21.36 -14.03 4.77
N ARG A 213 20.45 -13.33 5.48
CA ARG A 213 19.12 -13.83 5.83
C ARG A 213 18.04 -13.47 4.80
N LEU A 214 18.09 -12.26 4.21
CA LEU A 214 17.09 -11.81 3.24
C LEU A 214 17.67 -11.75 1.81
N THR A 215 17.11 -12.56 0.89
CA THR A 215 17.53 -12.63 -0.51
C THR A 215 16.49 -11.93 -1.39
N VAL A 216 16.93 -10.99 -2.24
CA VAL A 216 16.05 -10.24 -3.15
C VAL A 216 16.20 -10.86 -4.55
N VAL A 217 15.08 -11.29 -5.15
CA VAL A 217 15.09 -11.94 -6.46
C VAL A 217 14.27 -11.10 -7.43
N GLU A 218 14.85 -10.80 -8.62
CA GLU A 218 14.16 -10.02 -9.67
C GLU A 218 13.50 -10.98 -10.65
N ARG A 219 12.20 -11.25 -10.46
CA ARG A 219 11.44 -12.15 -11.32
C ARG A 219 9.93 -11.97 -11.11
N THR A 220 9.12 -12.55 -12.00
CA THR A 220 7.67 -12.42 -11.93
C THR A 220 7.05 -13.42 -10.95
N ILE A 221 5.85 -13.07 -10.46
CA ILE A 221 5.05 -13.98 -9.63
C ILE A 221 4.61 -15.15 -10.54
N GLN A 222 4.26 -14.86 -11.80
CA GLN A 222 3.89 -15.83 -12.83
C GLN A 222 4.97 -16.90 -13.05
N SER A 223 6.28 -16.56 -12.90
CA SER A 223 7.37 -17.54 -13.05
C SER A 223 7.39 -18.59 -11.92
N VAL A 224 6.67 -18.34 -10.80
CA VAL A 224 6.57 -19.28 -9.68
C VAL A 224 5.69 -20.51 -10.07
N ALA A 225 4.82 -20.37 -11.11
CA ALA A 225 3.97 -21.47 -11.58
C ALA A 225 4.80 -22.58 -12.23
N THR A 226 5.85 -22.20 -12.98
CA THR A 226 6.74 -23.15 -13.64
C THR A 226 7.95 -23.46 -12.76
N ASP A 227 8.50 -22.44 -12.06
CA ASP A 227 9.71 -22.57 -11.24
C ASP A 227 9.42 -22.21 -9.75
N PRO A 228 8.83 -23.13 -8.94
CA PRO A 228 8.50 -22.79 -7.54
C PRO A 228 9.56 -23.04 -6.46
N GLY A 229 10.79 -23.38 -6.86
CA GLY A 229 11.88 -23.69 -5.94
C GLY A 229 12.10 -22.73 -4.78
N VAL A 230 12.08 -21.43 -5.06
CA VAL A 230 12.28 -20.40 -4.00
C VAL A 230 11.24 -20.50 -2.84
N LEU A 231 10.05 -21.10 -3.09
CA LEU A 231 9.01 -21.23 -2.06
C LEU A 231 9.20 -22.40 -1.10
N GLU A 232 10.03 -23.42 -1.46
CA GLU A 232 10.15 -24.63 -0.64
C GLU A 232 10.53 -24.39 0.84
N GLY A 233 9.78 -25.03 1.74
CA GLY A 233 10.02 -24.94 3.18
C GLY A 233 9.54 -23.66 3.85
N ALA A 234 8.91 -22.75 3.09
CA ALA A 234 8.43 -21.49 3.68
C ALA A 234 7.34 -21.77 4.70
N ASP A 235 7.42 -21.11 5.85
CA ASP A 235 6.41 -21.21 6.90
C ASP A 235 5.25 -20.26 6.58
N VAL A 236 5.56 -19.06 6.05
CA VAL A 236 4.57 -18.08 5.64
C VAL A 236 4.95 -17.57 4.25
N ILE A 237 3.96 -17.45 3.37
CA ILE A 237 4.08 -16.84 2.05
C ILE A 237 3.09 -15.66 2.09
N HIS A 238 3.52 -14.45 1.73
CA HIS A 238 2.68 -13.26 1.76
C HIS A 238 2.50 -12.69 0.35
N ALA A 239 1.29 -12.24 0.02
CA ALA A 239 1.01 -11.64 -1.27
C ALA A 239 0.01 -10.50 -1.03
N GLY A 240 0.51 -9.28 -1.02
CA GLY A 240 -0.29 -8.09 -0.79
C GLY A 240 -0.80 -7.40 -2.04
N PHE A 241 -2.11 -7.44 -2.27
CA PHE A 241 -2.80 -6.78 -3.40
C PHE A 241 -2.14 -7.02 -4.78
N VAL A 242 -1.67 -8.26 -5.02
CA VAL A 242 -0.98 -8.62 -6.27
C VAL A 242 -1.75 -9.64 -7.12
N PHE A 243 -2.35 -10.67 -6.51
CA PHE A 243 -3.00 -11.73 -7.27
C PHE A 243 -4.07 -11.25 -8.26
N HIS A 244 -4.81 -10.19 -7.94
CA HIS A 244 -5.87 -9.72 -8.82
C HIS A 244 -5.38 -9.20 -10.16
N ASP A 245 -4.09 -8.78 -10.24
CA ASP A 245 -3.50 -8.34 -11.50
C ASP A 245 -3.38 -9.46 -12.52
N MET A 246 -3.44 -10.74 -12.10
CA MET A 246 -3.38 -11.87 -13.02
C MET A 246 -4.78 -12.31 -13.48
N LEU A 247 -5.86 -11.71 -12.98
CA LEU A 247 -7.21 -12.13 -13.35
C LEU A 247 -7.95 -11.03 -14.12
N PRO A 248 -8.77 -11.38 -15.15
CA PRO A 248 -9.15 -12.73 -15.61
C PRO A 248 -8.25 -13.35 -16.68
N GLU A 249 -7.26 -12.64 -17.22
CA GLU A 249 -6.46 -13.16 -18.34
C GLU A 249 -5.47 -14.30 -18.00
N GLU A 250 -4.81 -14.27 -16.83
CA GLU A 250 -3.81 -15.30 -16.46
C GLU A 250 -4.31 -16.22 -15.33
N GLU A 251 -5.60 -16.63 -15.39
CA GLU A 251 -6.23 -17.47 -14.37
C GLU A 251 -5.54 -18.81 -14.14
N ASP A 252 -5.19 -19.53 -15.22
CA ASP A 252 -4.52 -20.82 -15.09
C ASP A 252 -3.16 -20.67 -14.43
N VAL A 253 -2.40 -19.65 -14.80
CA VAL A 253 -1.09 -19.39 -14.18
C VAL A 253 -1.29 -19.04 -12.69
N CYS A 254 -2.29 -18.23 -12.37
CA CYS A 254 -2.61 -17.86 -10.98
C CYS A 254 -2.90 -19.11 -10.13
N ASP A 255 -3.79 -19.98 -10.63
CA ASP A 255 -4.13 -21.24 -9.96
C ASP A 255 -2.93 -22.16 -9.74
N GLN A 256 -1.97 -22.19 -10.69
CA GLN A 256 -0.76 -22.99 -10.54
C GLN A 256 0.17 -22.34 -9.49
N VAL A 257 0.27 -21.01 -9.47
CA VAL A 257 1.07 -20.31 -8.44
C VAL A 257 0.51 -20.63 -7.04
N LEU A 258 -0.84 -20.61 -6.90
CA LEU A 258 -1.51 -20.96 -5.63
C LEU A 258 -1.30 -22.46 -5.25
N ALA A 259 -1.45 -23.41 -6.20
CA ALA A 259 -1.22 -24.83 -5.92
C ALA A 259 0.24 -25.10 -5.56
N ASN A 260 1.17 -24.38 -6.20
CA ASN A 260 2.59 -24.48 -5.88
C ASN A 260 2.89 -23.88 -4.52
N CYS A 261 2.15 -22.85 -4.08
CA CYS A 261 2.35 -22.27 -2.77
C CYS A 261 1.97 -23.29 -1.70
N ARG A 262 0.80 -23.96 -1.86
CA ARG A 262 0.30 -24.95 -0.91
C ARG A 262 1.25 -26.12 -0.76
N GLU A 263 1.65 -26.73 -1.88
CA GLU A 263 2.55 -27.88 -1.88
C GLU A 263 3.95 -27.51 -1.35
N SER A 264 4.40 -26.25 -1.58
CA SER A 264 5.72 -25.79 -1.12
C SER A 264 5.81 -25.44 0.37
N LEU A 265 4.69 -25.08 1.02
CA LEU A 265 4.71 -24.70 2.44
C LEU A 265 5.24 -25.84 3.34
N ALA A 266 5.96 -25.45 4.41
CA ALA A 266 6.43 -26.39 5.42
C ALA A 266 5.19 -26.83 6.26
N PRO A 267 5.16 -28.00 6.95
CA PRO A 267 3.95 -28.36 7.72
C PRO A 267 3.46 -27.24 8.65
N GLY A 268 2.13 -27.07 8.74
CA GLY A 268 1.55 -25.99 9.53
C GLY A 268 1.69 -24.59 8.95
N GLY A 269 2.28 -24.49 7.75
CA GLY A 269 2.50 -23.21 7.10
C GLY A 269 1.24 -22.63 6.49
N PHE A 270 1.29 -21.34 6.15
CA PHE A 270 0.16 -20.70 5.52
C PHE A 270 0.55 -19.66 4.48
N LEU A 271 -0.36 -19.44 3.53
CA LEU A 271 -0.25 -18.40 2.52
C LEU A 271 -1.20 -17.29 3.01
N ALA A 272 -0.69 -16.08 3.20
CA ALA A 272 -1.42 -14.89 3.66
C ALA A 272 -1.60 -13.92 2.49
N ILE A 273 -2.83 -13.81 1.97
CA ILE A 273 -3.13 -12.92 0.86
C ILE A 273 -3.93 -11.75 1.39
N THR A 274 -3.55 -10.52 1.07
CA THR A 274 -4.40 -9.37 1.35
C THR A 274 -4.88 -8.92 -0.01
N ASP A 275 -6.18 -8.70 -0.14
CA ASP A 275 -6.74 -8.27 -1.41
C ASP A 275 -8.08 -7.56 -1.22
N ALA A 276 -8.56 -6.94 -2.30
CA ALA A 276 -9.77 -6.16 -2.32
C ALA A 276 -10.93 -7.01 -2.82
N VAL A 277 -12.00 -7.07 -2.02
CA VAL A 277 -13.22 -7.78 -2.43
C VAL A 277 -14.16 -6.74 -3.12
N PRO A 278 -14.96 -7.17 -4.10
CA PRO A 278 -15.80 -6.19 -4.83
C PRO A 278 -17.11 -5.79 -4.18
N TYR A 279 -17.45 -4.52 -4.34
CA TYR A 279 -18.73 -3.88 -4.07
C TYR A 279 -19.49 -4.37 -2.83
N LEU A 280 -18.96 -4.00 -1.67
CA LEU A 280 -19.61 -4.30 -0.39
C LEU A 280 -20.77 -3.32 -0.18
N ARG A 281 -21.80 -3.75 0.53
CA ARG A 281 -23.02 -3.01 0.82
C ARG A 281 -23.03 -2.39 2.21
N ASN A 282 -22.23 -2.88 3.20
CA ASN A 282 -22.32 -2.34 4.55
C ASN A 282 -21.97 -0.85 4.57
N ASP A 283 -22.60 -0.10 5.45
CA ASP A 283 -22.47 1.32 5.49
C ASP A 283 -21.02 1.83 5.61
N ARG A 284 -20.20 1.20 6.46
CA ARG A 284 -18.85 1.69 6.66
C ARG A 284 -18.02 1.54 5.41
N GLU A 285 -18.09 0.40 4.75
CA GLU A 285 -17.21 0.09 3.65
C GLU A 285 -17.67 0.45 2.27
N ARG A 286 -18.96 0.61 2.06
CA ARG A 286 -19.54 0.65 0.71
C ARG A 286 -19.00 1.76 -0.21
N ARG A 287 -18.77 2.96 0.32
CA ARG A 287 -18.36 4.08 -0.56
C ARG A 287 -16.97 3.87 -1.15
N PHE A 288 -16.00 3.58 -0.31
CA PHE A 288 -14.63 3.34 -0.76
C PHE A 288 -14.50 1.97 -1.45
N SER A 289 -15.28 0.98 -1.02
CA SER A 289 -15.36 -0.29 -1.74
C SER A 289 -15.78 -0.05 -3.20
N ALA A 290 -16.82 0.78 -3.42
CA ALA A 290 -17.28 1.04 -4.81
C ALA A 290 -16.18 1.70 -5.64
N ALA A 291 -15.45 2.68 -5.05
CA ALA A 291 -14.34 3.37 -5.74
C ALA A 291 -13.24 2.36 -6.11
N VAL A 292 -12.82 1.55 -5.15
CA VAL A 292 -11.80 0.51 -5.45
C VAL A 292 -12.29 -0.46 -6.55
N SER A 293 -13.51 -0.95 -6.41
CA SER A 293 -14.11 -1.91 -7.32
C SER A 293 -14.32 -1.38 -8.72
N TYR A 294 -14.71 -0.12 -8.84
CA TYR A 294 -14.97 0.52 -10.13
C TYR A 294 -13.69 0.82 -10.86
N TYR A 295 -12.68 1.38 -10.16
CA TYR A 295 -11.37 1.61 -10.78
C TYR A 295 -10.76 0.27 -11.25
N HIS A 296 -10.86 -0.79 -10.43
CA HIS A 296 -10.37 -2.10 -10.87
C HIS A 296 -11.16 -2.74 -12.02
N GLY A 297 -12.48 -2.80 -11.90
CA GLY A 297 -13.32 -3.46 -12.89
C GLY A 297 -13.46 -2.71 -14.19
N GLU A 298 -13.85 -1.45 -14.10
CA GLU A 298 -14.09 -0.63 -15.28
C GLU A 298 -12.81 -0.16 -15.97
N PHE A 299 -11.88 0.41 -15.22
CA PHE A 299 -10.71 1.06 -15.81
C PHE A 299 -9.51 0.15 -16.01
N MET A 300 -9.20 -0.69 -15.03
CA MET A 300 -8.03 -1.58 -15.15
C MET A 300 -8.39 -2.99 -15.66
N ARG A 301 -9.71 -3.35 -15.73
CA ARG A 301 -10.20 -4.67 -16.08
C ARG A 301 -9.47 -5.80 -15.33
N ARG A 302 -9.39 -5.66 -14.00
CA ARG A 302 -8.81 -6.67 -13.14
C ARG A 302 -9.90 -7.21 -12.23
N ARG A 303 -10.02 -8.55 -12.17
CA ARG A 303 -11.06 -9.21 -11.45
C ARG A 303 -10.80 -9.26 -9.97
N LEU A 304 -11.63 -8.57 -9.19
CA LEU A 304 -11.58 -8.63 -7.73
C LEU A 304 -12.52 -9.78 -7.34
N GLN A 305 -12.10 -10.65 -6.43
CA GLN A 305 -12.91 -11.79 -6.02
C GLN A 305 -13.56 -11.57 -4.66
N SER A 306 -14.77 -12.11 -4.50
CA SER A 306 -15.45 -12.07 -3.22
C SER A 306 -14.70 -13.00 -2.26
N GLU A 307 -15.05 -12.96 -0.99
CA GLU A 307 -14.49 -13.92 -0.02
C GLU A 307 -14.85 -15.36 -0.42
N GLU A 308 -16.08 -15.60 -0.90
CA GLU A 308 -16.51 -16.94 -1.29
C GLU A 308 -15.68 -17.46 -2.45
N GLU A 309 -15.39 -16.59 -3.44
CA GLU A 309 -14.58 -16.93 -4.61
C GLU A 309 -13.15 -17.22 -4.20
N TRP A 310 -12.57 -16.37 -3.36
CA TRP A 310 -11.22 -16.58 -2.87
C TRP A 310 -11.09 -17.89 -2.11
N VAL A 311 -12.09 -18.21 -1.25
CA VAL A 311 -12.07 -19.45 -0.47
C VAL A 311 -12.15 -20.66 -1.42
N GLU A 312 -13.10 -20.67 -2.38
CA GLU A 312 -13.22 -21.76 -3.35
C GLU A 312 -11.93 -21.93 -4.17
N ARG A 313 -11.31 -20.82 -4.64
CA ARG A 313 -10.05 -20.91 -5.39
C ARG A 313 -8.92 -21.47 -4.52
N LEU A 314 -8.79 -21.00 -3.28
CA LEU A 314 -7.74 -21.47 -2.37
C LEU A 314 -7.93 -22.94 -1.97
N ARG A 315 -9.17 -23.39 -1.74
N ARG A 315 -9.17 -23.39 -1.75
CA ARG A 315 -9.43 -24.80 -1.43
CA ARG A 315 -9.45 -24.79 -1.46
C ARG A 315 -9.17 -25.67 -2.69
C ARG A 315 -9.11 -25.65 -2.69
N GLY A 316 -9.43 -25.14 -3.88
CA GLY A 316 -9.14 -25.80 -5.15
C GLY A 316 -7.64 -25.97 -5.38
N ALA A 317 -6.79 -25.13 -4.72
CA ALA A 317 -5.34 -25.24 -4.77
C ALA A 317 -4.76 -26.23 -3.71
N GLY A 318 -5.62 -26.92 -2.96
CA GLY A 318 -5.20 -27.90 -1.96
C GLY A 318 -5.16 -27.42 -0.52
N PHE A 319 -5.40 -26.12 -0.25
CA PHE A 319 -5.35 -25.62 1.12
C PHE A 319 -6.46 -26.28 1.95
N SER A 320 -6.12 -26.77 3.15
CA SER A 320 -7.05 -27.52 4.01
C SER A 320 -8.15 -26.67 4.66
N ASP A 321 -7.80 -25.43 5.00
CA ASP A 321 -8.73 -24.50 5.62
C ASP A 321 -8.30 -23.07 5.31
N VAL A 322 -9.29 -22.20 5.11
CA VAL A 322 -9.03 -20.82 4.79
C VAL A 322 -9.81 -19.98 5.76
N ARG A 323 -9.17 -18.97 6.35
CA ARG A 323 -9.83 -17.99 7.21
C ARG A 323 -9.77 -16.61 6.54
N ALA A 324 -10.87 -15.85 6.62
CA ALA A 324 -10.99 -14.52 6.07
C ALA A 324 -11.07 -13.55 7.26
N LEU A 325 -10.28 -12.46 7.23
CA LEU A 325 -10.27 -11.48 8.30
C LEU A 325 -10.52 -10.10 7.71
N THR A 326 -11.44 -9.37 8.33
CA THR A 326 -11.75 -8.03 7.88
C THR A 326 -10.64 -7.07 8.30
N LEU A 327 -10.12 -6.32 7.34
CA LEU A 327 -9.10 -5.29 7.60
C LEU A 327 -9.82 -3.97 7.74
N ALA A 328 -9.17 -2.98 8.39
CA ALA A 328 -9.72 -1.65 8.49
C ALA A 328 -9.79 -0.96 7.13
N PHE A 329 -8.92 -1.30 6.19
CA PHE A 329 -8.92 -0.76 4.82
C PHE A 329 -10.24 -1.18 4.19
N PRO A 330 -11.16 -0.25 3.84
CA PRO A 330 -12.48 -0.68 3.38
C PRO A 330 -12.39 -1.53 2.14
N THR A 331 -13.06 -2.70 2.16
CA THR A 331 -13.04 -3.69 1.10
C THR A 331 -11.78 -4.55 1.13
N GLY A 332 -10.85 -4.34 2.05
CA GLY A 332 -9.65 -5.14 2.17
C GLY A 332 -9.92 -6.33 3.05
N ARG A 333 -9.47 -7.50 2.62
CA ARG A 333 -9.57 -8.73 3.37
C ARG A 333 -8.23 -9.46 3.42
N LEU A 334 -7.96 -10.09 4.57
CA LEU A 334 -6.77 -10.89 4.76
C LEU A 334 -7.24 -12.37 4.80
N PHE A 335 -6.72 -13.16 3.86
CA PHE A 335 -7.04 -14.54 3.74
C PHE A 335 -5.83 -15.34 4.21
N LEU A 336 -6.02 -16.20 5.22
CA LEU A 336 -4.98 -17.09 5.73
C LEU A 336 -5.37 -18.48 5.27
N ALA A 337 -4.61 -19.01 4.30
CA ALA A 337 -4.84 -20.30 3.69
C ALA A 337 -3.85 -21.30 4.29
N HIS A 338 -4.35 -22.18 5.16
CA HIS A 338 -3.53 -23.15 5.86
C HIS A 338 -3.30 -24.36 4.97
N ARG A 339 -2.06 -24.89 5.00
CA ARG A 339 -1.69 -26.07 4.19
C ARG A 339 -2.63 -27.23 4.48
ZN ZN B . -4.84 -3.12 -8.00
C1 COI C . -4.20 -0.30 -7.03
O1 COI C . -3.99 0.91 -6.85
O2 COI C . -4.30 -0.84 -8.16
C2 COI C . -4.32 -1.19 -5.76
O3 COI C . -4.80 -2.33 -5.85
C3 COI C . -3.75 -0.68 -4.46
C4 COI C . -4.76 -0.52 -3.27
C5 COI C . -6.06 -1.32 -3.46
C6 COI C . -4.08 -0.88 -1.94
H31 COI C . -3.30 0.30 -4.66
H32 COI C . -2.94 -1.34 -4.17
H4 COI C . -5.04 0.53 -3.20
H51 COI C . -6.69 -1.25 -2.56
H52 COI C . -5.86 -2.37 -3.65
H53 COI C . -6.65 -0.92 -4.29
H61 COI C . -4.80 -0.82 -1.12
H62 COI C . -3.26 -0.19 -1.71
H63 COI C . -3.67 -1.89 -1.96
CL CL D . -0.34 -33.48 1.77
N SAM E . 0.46 -4.07 -8.45
CA SAM E . -0.63 -3.83 -7.46
C SAM E . -1.82 -3.17 -8.16
O SAM E . -1.67 -2.00 -8.60
OXT SAM E . -2.85 -3.88 -8.30
CB SAM E . -0.13 -2.98 -6.29
CG SAM E . 0.48 -3.78 -5.15
SD SAM E . 1.93 -4.77 -5.65
CE SAM E . 2.46 -5.07 -3.97
C5' SAM E . 3.26 -3.57 -6.13
C4' SAM E . 4.67 -4.17 -6.08
O4' SAM E . 4.66 -5.51 -6.60
C3' SAM E . 5.70 -3.40 -6.92
O3' SAM E . 7.00 -3.37 -6.30
C2' SAM E . 5.72 -4.17 -8.24
O2' SAM E . 6.97 -4.03 -8.91
C1' SAM E . 5.46 -5.61 -7.77
N9 SAM E . 4.78 -6.46 -8.73
C8 SAM E . 3.60 -6.21 -9.38
N7 SAM E . 3.19 -7.19 -10.14
C5 SAM E . 4.16 -8.17 -9.98
C6 SAM E . 4.30 -9.46 -10.52
N6 SAM E . 3.38 -10.04 -11.30
N1 SAM E . 5.40 -10.18 -10.17
C2 SAM E . 6.27 -9.62 -9.32
N3 SAM E . 6.24 -8.42 -8.75
C4 SAM E . 5.15 -7.74 -9.11
HN1 SAM E . 0.20 -4.66 -9.25
HN2 SAM E . 0.58 -3.11 -8.80
HA SAM E . -0.96 -4.83 -7.14
HB1 SAM E . -0.97 -2.41 -5.90
HB2 SAM E . 0.58 -2.23 -6.65
HG1 SAM E . -0.26 -4.46 -4.70
HG2 SAM E . 0.80 -3.10 -4.36
HE1 SAM E . 3.17 -5.90 -3.96
HE2 SAM E . 2.93 -4.18 -3.53
HE3 SAM E . 1.59 -5.35 -3.37
H5'1 SAM E . 3.02 -3.25 -7.15
H5'2 SAM E . 3.20 -2.70 -5.47
H4' SAM E . 4.97 -4.26 -5.03
H3' SAM E . 5.43 -2.35 -7.06
HO3' SAM E . 7.58 -2.89 -6.92
H2' SAM E . 4.93 -3.80 -8.89
HO2' SAM E . 6.96 -4.65 -9.67
H1' SAM E . 6.39 -6.11 -7.48
H8 SAM E . 3.08 -5.27 -9.27
HN61 SAM E . 2.53 -9.55 -11.53
HN62 SAM E . 3.56 -10.99 -11.65
H2 SAM E . 7.12 -10.26 -9.05
HN3 SAM E . 1.36 -4.29 -8.02
#